data_7YOZ
#
_entry.id   7YOZ
#
_cell.length_a   1.00
_cell.length_b   1.00
_cell.length_c   1.00
_cell.angle_alpha   90.00
_cell.angle_beta   90.00
_cell.angle_gamma   90.00
#
_symmetry.space_group_name_H-M   'P 1'
#
loop_
_entity.id
_entity.type
_entity.pdbx_description
1 polymer 'Histone H3.1'
2 polymer 'Histone H4'
3 polymer 'Widom601 DNA FW (145-MER)'
4 polymer 'Widom601 DNA RV (145-MER)'
#
loop_
_entity_poly.entity_id
_entity_poly.type
_entity_poly.pdbx_seq_one_letter_code
_entity_poly.pdbx_strand_id
1 'polypeptide(L)'
;GSHMARTKQTARKSTGGKAPRKQLATKAARKSAPATGGVKKPHRYRPGTVALREIRRYQKSTELLIRKLPFQRLVREIAQ
DFKTDLRFQSSAVMALQEACEAYLVGLFEDTNLCAIHAKRVTIMPKDIQLARRIRGERA
;
A,C,E,G
2 'polypeptide(L)'
;GSHMSGRGKGGKGLGKGGAKRHRKVLRDNIQGITKPAIRRLARRGGVKRISGLIYEETRGVLKVFLENVIRDAVTYTEHA
KRKTVTAMDVVYALKRQGRTLYGFGG
;
B,D,F,H
3 'polydeoxyribonucleotide'
;(DA)(DT)(DC)(DA)(DG)(DA)(DA)(DT)(DC)(DC)(DC)(DG)(DG)(DT)(DG)(DC)(DC)(DG)(DA)(DG)
(DG)(DC)(DC)(DG)(DC)(DT)(DC)(DA)(DA)(DT)(DT)(DG)(DG)(DT)(DC)(DG)(DT)(DA)(DG)(DA)
(DC)(DA)(DG)(DC)(DT)(DC)(DT)(DA)(DG)(DC)(DA)(DC)(DC)(DG)(DC)(DT)(DT)(DA)(DA)(DA)
(DC)(DG)(DC)(DA)(DC)(DG)(DT)(DA)(DC)(DG)(DC)(DG)(DC)(DT)(DG)(DT)(DC)(DC)(DC)(DC)
(DC)(DG)(DC)(DG)(DT)(DT)(DT)(DT)(DA)(DA)(DC)(DC)(DG)(DC)(DC)(DA)(DA)(DG)(DG)(DG)
(DG)(DA)(DT)(DT)(DA)(DC)(DT)(DC)(DC)(DC)(DT)(DA)(DG)(DT)(DC)(DT)(DC)(DC)(DA)(DG)
(DG)(DC)(DA)(DC)(DG)(DT)(DG)(DT)(DC)(DA)(DG)(DA)(DT)(DA)(DT)(DA)(DT)(DA)(DC)(DA)
(DT)(DC)(DG)(DA)(DT)
;
I
4 'polydeoxyribonucleotide'
;(DA)(DT)(DC)(DG)(DA)(DT)(DG)(DT)(DA)(DT)(DA)(DT)(DA)(DT)(DC)(DT)(DG)(DA)(DC)(DA)
(DC)(DG)(DT)(DG)(DC)(DC)(DT)(DG)(DG)(DA)(DG)(DA)(DC)(DT)(DA)(DG)(DG)(DG)(DA)(DG)
(DT)(DA)(DA)(DT)(DC)(DC)(DC)(DC)(DT)(DT)(DG)(DG)(DC)(DG)(DG)(DT)(DT)(DA)(DA)(DA)
(DA)(DC)(DG)(DC)(DG)(DG)(DG)(DG)(DG)(DA)(DC)(DA)(DG)(DC)(DG)(DC)(DG)(DT)(DA)(DC)
(DG)(DT)(DG)(DC)(DG)(DT)(DT)(DT)(DA)(DA)(DG)(DC)(DG)(DG)(DT)(DG)(DC)(DT)(DA)(DG)
(DA)(DG)(DC)(DT)(DG)(DT)(DC)(DT)(DA)(DC)(DG)(DA)(DC)(DC)(DA)(DA)(DT)(DT)(DG)(DA)
(DG)(DC)(DG)(DG)(DC)(DC)(DT)(DC)(DG)(DG)(DC)(DA)(DC)(DC)(DG)(DG)(DG)(DA)(DT)(DT)
(DC)(DT)(DG)(DA)(DT)
;
J
#
# COMPACT_ATOMS: atom_id res chain seq x y z
N GLU A 63 -19.53 -12.25 27.32
CA GLU A 63 -19.73 -10.80 27.42
C GLU A 63 -18.51 -10.05 26.91
N LEU A 64 -18.71 -8.76 26.59
CA LEU A 64 -17.63 -7.92 26.09
C LEU A 64 -16.58 -7.72 27.17
N LEU A 65 -15.31 -7.78 26.76
CA LEU A 65 -14.19 -7.66 27.68
C LEU A 65 -13.70 -6.23 27.85
N ILE A 66 -14.26 -5.29 27.10
CA ILE A 66 -13.92 -3.88 27.21
C ILE A 66 -15.20 -3.12 27.57
N ARG A 67 -15.05 -2.09 28.41
CA ARG A 67 -16.19 -1.32 28.85
C ARG A 67 -16.83 -0.57 27.68
N LYS A 68 -18.04 -0.06 27.93
CA LYS A 68 -18.84 0.62 26.92
C LYS A 68 -18.63 2.12 26.91
N LEU A 69 -18.83 2.78 28.05
CA LEU A 69 -18.83 4.24 28.08
C LEU A 69 -17.49 4.85 27.72
N PRO A 70 -16.34 4.38 28.22
CA PRO A 70 -15.08 4.98 27.76
C PRO A 70 -14.82 4.73 26.28
N PHE A 71 -15.20 3.55 25.78
CA PHE A 71 -15.04 3.27 24.35
C PHE A 71 -15.88 4.23 23.51
N GLN A 72 -17.15 4.41 23.90
CA GLN A 72 -18.03 5.33 23.20
C GLN A 72 -17.48 6.75 23.20
N ARG A 73 -16.97 7.21 24.34
CA ARG A 73 -16.41 8.55 24.43
C ARG A 73 -15.25 8.73 23.46
N LEU A 74 -14.35 7.74 23.39
CA LEU A 74 -13.25 7.80 22.44
C LEU A 74 -13.75 7.88 21.00
N VAL A 75 -14.72 7.02 20.65
CA VAL A 75 -15.27 7.01 19.29
C VAL A 75 -15.86 8.37 18.94
N ARG A 76 -16.62 8.96 19.87
CA ARG A 76 -17.24 10.26 19.63
C ARG A 76 -16.19 11.36 19.51
N GLU A 77 -15.15 11.30 20.33
CA GLU A 77 -14.07 12.29 20.26
C GLU A 77 -13.42 12.29 18.87
N ILE A 78 -13.07 11.10 18.36
CA ILE A 78 -12.44 11.00 17.06
C ILE A 78 -13.38 11.53 15.97
N ALA A 79 -14.67 11.17 16.06
CA ALA A 79 -15.63 11.63 15.07
C ALA A 79 -15.73 13.14 15.05
N GLN A 80 -15.59 13.78 16.22
CA GLN A 80 -15.70 15.23 16.33
C GLN A 80 -14.66 15.93 15.46
N ASP A 81 -13.51 15.29 15.23
CA ASP A 81 -12.47 15.91 14.41
C ASP A 81 -12.77 15.75 12.92
N PHE A 82 -13.34 14.60 12.52
CA PHE A 82 -13.70 14.43 11.11
C PHE A 82 -14.90 15.30 10.72
N LYS A 83 -15.93 15.32 11.56
CA LYS A 83 -17.09 16.15 11.29
C LYS A 83 -17.76 16.51 12.62
N THR A 84 -18.09 17.79 12.78
CA THR A 84 -18.74 18.27 13.99
C THR A 84 -20.23 17.98 13.94
N ASP A 85 -20.83 17.91 15.13
CA ASP A 85 -22.28 17.82 15.31
C ASP A 85 -22.83 16.54 14.69
N LEU A 86 -22.36 15.42 15.24
CA LEU A 86 -22.76 14.09 14.79
C LEU A 86 -23.30 13.31 15.97
N ARG A 87 -24.40 12.60 15.76
CA ARG A 87 -24.99 11.72 16.75
C ARG A 87 -24.93 10.29 16.25
N PHE A 88 -24.49 9.38 17.11
CA PHE A 88 -24.31 7.99 16.73
C PHE A 88 -25.60 7.21 16.97
N GLN A 89 -25.53 5.89 16.82
CA GLN A 89 -26.63 5.00 17.16
C GLN A 89 -26.07 3.86 18.01
N SER A 90 -26.89 3.38 18.94
CA SER A 90 -26.43 2.36 19.87
C SER A 90 -25.98 1.10 19.15
N SER A 91 -26.78 0.58 18.23
CA SER A 91 -26.37 -0.63 17.54
C SER A 91 -25.16 -0.39 16.64
N ALA A 92 -24.93 0.87 16.26
CA ALA A 92 -23.75 1.19 15.47
C ALA A 92 -22.46 1.12 16.28
N VAL A 93 -22.49 1.65 17.50
CA VAL A 93 -21.30 1.60 18.35
C VAL A 93 -21.01 0.18 18.82
N MET A 94 -22.04 -0.59 19.17
CA MET A 94 -21.81 -1.97 19.57
C MET A 94 -21.25 -2.79 18.41
N ALA A 95 -21.72 -2.50 17.19
CA ALA A 95 -21.17 -3.20 16.04
C ALA A 95 -19.70 -2.88 15.84
N LEU A 96 -19.36 -1.58 15.90
CA LEU A 96 -17.97 -1.14 15.77
C LEU A 96 -17.11 -1.74 16.88
N GLN A 97 -17.67 -1.86 18.08
CA GLN A 97 -16.89 -2.38 19.21
C GLN A 97 -16.62 -3.87 19.07
N GLU A 98 -17.64 -4.64 18.66
CA GLU A 98 -17.44 -6.06 18.40
C GLU A 98 -16.36 -6.28 17.35
N ALA A 99 -16.40 -5.50 16.27
CA ALA A 99 -15.38 -5.63 15.23
C ALA A 99 -14.00 -5.29 15.75
N CYS A 100 -13.90 -4.22 16.54
CA CYS A 100 -12.60 -3.79 17.06
C CYS A 100 -12.03 -4.84 18.01
N GLU A 101 -12.87 -5.37 18.91
CA GLU A 101 -12.41 -6.34 19.89
C GLU A 101 -12.02 -7.65 19.21
N ALA A 102 -12.80 -8.07 18.20
CA ALA A 102 -12.45 -9.26 17.42
C ALA A 102 -11.10 -9.08 16.75
N TYR A 103 -10.84 -7.87 16.22
CA TYR A 103 -9.57 -7.59 15.55
C TYR A 103 -8.40 -7.72 16.52
N LEU A 104 -8.54 -7.13 17.72
CA LEU A 104 -7.46 -7.17 18.70
C LEU A 104 -7.21 -8.59 19.20
N VAL A 105 -8.28 -9.35 19.45
CA VAL A 105 -8.12 -10.73 19.87
C VAL A 105 -7.34 -11.49 18.82
N GLY A 106 -7.69 -11.32 17.55
CA GLY A 106 -6.95 -11.97 16.49
C GLY A 106 -5.48 -11.54 16.43
N LEU A 107 -5.24 -10.23 16.59
CA LEU A 107 -3.88 -9.73 16.60
C LEU A 107 -3.11 -10.33 17.76
N PHE A 108 -3.78 -10.53 18.88
CA PHE A 108 -3.14 -11.11 20.06
C PHE A 108 -2.83 -12.59 19.88
N GLU A 109 -3.66 -13.32 19.12
CA GLU A 109 -3.34 -14.69 18.76
C GLU A 109 -2.04 -14.78 17.96
N ASP A 110 -1.92 -13.98 16.89
CA ASP A 110 -0.73 -14.07 16.05
C ASP A 110 0.52 -13.62 16.78
N THR A 111 0.44 -12.52 17.54
CA THR A 111 1.58 -12.10 18.33
C THR A 111 2.02 -13.23 19.27
N ASN A 112 1.07 -13.89 19.93
CA ASN A 112 1.38 -15.02 20.80
C ASN A 112 2.02 -16.15 20.01
N LEU A 113 1.50 -16.41 18.80
CA LEU A 113 2.09 -17.43 17.93
C LEU A 113 3.53 -17.06 17.58
N CYS A 114 3.79 -15.77 17.36
CA CYS A 114 5.14 -15.34 17.06
C CYS A 114 6.04 -15.51 18.29
N ALA A 115 5.51 -15.18 19.46
CA ALA A 115 6.24 -15.35 20.71
C ALA A 115 6.59 -16.81 20.96
N ILE A 116 5.61 -17.71 20.81
CA ILE A 116 5.87 -19.13 21.01
C ILE A 116 6.91 -19.60 20.01
N HIS A 117 6.85 -19.09 18.78
CA HIS A 117 7.86 -19.44 17.78
C HIS A 117 9.25 -19.13 18.31
N ALA A 118 9.40 -18.01 19.01
CA ALA A 118 10.69 -17.61 19.54
C ALA A 118 11.03 -18.39 20.81
N LYS A 119 12.32 -18.42 21.13
CA LYS A 119 12.76 -19.15 22.32
C LYS A 119 12.27 -18.50 23.62
N ARG A 120 11.84 -17.24 23.57
CA ARG A 120 11.24 -16.60 24.73
C ARG A 120 9.85 -17.17 25.01
N VAL A 121 9.29 -16.79 26.14
CA VAL A 121 7.96 -17.21 26.52
C VAL A 121 6.98 -16.05 26.64
N THR A 122 7.47 -14.81 26.70
CA THR A 122 6.62 -13.63 26.84
C THR A 122 6.61 -12.84 25.53
N ILE A 123 5.55 -12.05 25.36
CA ILE A 123 5.41 -11.23 24.17
C ILE A 123 6.26 -9.97 24.30
N MET A 124 6.71 -9.46 23.16
CA MET A 124 7.59 -8.30 23.09
C MET A 124 7.06 -7.35 22.03
N PRO A 125 7.44 -6.07 22.09
CA PRO A 125 7.02 -5.13 21.04
C PRO A 125 7.43 -5.55 19.63
N LYS A 126 8.61 -6.13 19.47
CA LYS A 126 9.07 -6.57 18.16
C LYS A 126 8.16 -7.66 17.58
N ASP A 127 7.50 -8.44 18.44
CA ASP A 127 6.56 -9.45 17.95
C ASP A 127 5.35 -8.81 17.29
N ILE A 128 4.75 -7.79 17.92
CA ILE A 128 3.62 -7.10 17.30
C ILE A 128 4.04 -6.51 15.95
N GLN A 129 5.21 -5.86 15.92
CA GLN A 129 5.65 -5.22 14.68
C GLN A 129 5.95 -6.24 13.59
N LEU A 130 6.49 -7.39 13.99
CA LEU A 130 6.74 -8.47 13.03
C LEU A 130 5.44 -9.02 12.47
N ALA A 131 4.46 -9.26 13.34
CA ALA A 131 3.17 -9.80 12.91
C ALA A 131 2.49 -8.90 11.90
N ARG A 132 2.50 -7.58 12.14
CA ARG A 132 1.81 -6.66 11.24
C ARG A 132 2.50 -6.50 9.89
N ARG A 133 3.83 -6.55 9.84
CA ARG A 133 4.49 -6.48 8.54
C ARG A 133 4.18 -7.71 7.70
N ILE A 134 4.21 -8.90 8.31
CA ILE A 134 3.97 -10.13 7.57
C ILE A 134 2.51 -10.25 7.19
N ARG A 135 1.62 -9.71 8.03
CA ARG A 135 0.20 -9.69 7.69
C ARG A 135 -0.08 -8.83 6.48
N GLY A 136 0.74 -7.81 6.24
CA GLY A 136 0.54 -6.90 5.14
C GLY A 136 -0.31 -5.70 5.46
N GLU A 137 -0.51 -5.37 6.73
CA GLU A 137 -1.28 -4.21 7.15
C GLU A 137 -0.46 -2.94 7.19
N ARG A 138 0.77 -3.02 7.67
CA ARG A 138 1.66 -1.86 7.70
C ARG A 138 2.70 -1.95 6.58
N ARG B 27 -7.34 13.99 31.77
CA ARG B 27 -6.45 13.08 31.05
C ARG B 27 -6.98 12.79 29.66
N ASP B 28 -6.28 11.93 28.92
CA ASP B 28 -6.68 11.60 27.57
C ASP B 28 -7.71 10.47 27.56
N ASN B 29 -8.50 10.43 26.49
CA ASN B 29 -9.51 9.40 26.33
C ASN B 29 -8.87 8.03 26.05
N ILE B 30 -7.68 8.03 25.45
CA ILE B 30 -6.99 6.78 25.14
C ILE B 30 -6.69 6.01 26.41
N GLN B 31 -6.57 6.70 27.54
CA GLN B 31 -6.29 6.08 28.82
C GLN B 31 -7.51 5.36 29.40
N GLY B 32 -8.68 5.56 28.79
CA GLY B 32 -9.87 4.84 29.23
C GLY B 32 -9.89 3.35 28.90
N ILE B 33 -9.09 2.90 27.94
CA ILE B 33 -8.93 1.46 27.74
C ILE B 33 -7.88 0.97 28.72
N THR B 34 -8.32 0.50 29.88
CA THR B 34 -7.42 0.28 31.00
C THR B 34 -6.53 -0.94 30.78
N LYS B 35 -5.46 -1.00 31.58
CA LYS B 35 -4.53 -2.13 31.58
C LYS B 35 -5.21 -3.48 31.85
N PRO B 36 -6.10 -3.64 32.84
CA PRO B 36 -6.72 -4.95 33.04
C PRO B 36 -7.59 -5.40 31.89
N ALA B 37 -8.19 -4.47 31.13
CA ALA B 37 -8.99 -4.89 30.00
C ALA B 37 -8.12 -5.51 28.91
N ILE B 38 -6.98 -4.87 28.61
CA ILE B 38 -6.07 -5.39 27.60
C ILE B 38 -5.49 -6.72 28.06
N ARG B 39 -5.17 -6.82 29.35
CA ARG B 39 -4.71 -8.09 29.92
C ARG B 39 -5.75 -9.18 29.74
N ARG B 40 -7.03 -8.87 29.99
CA ARG B 40 -8.08 -9.86 29.84
C ARG B 40 -8.18 -10.33 28.39
N LEU B 41 -8.14 -9.39 27.44
CA LEU B 41 -8.13 -9.75 26.03
C LEU B 41 -6.96 -10.67 25.69
N ALA B 42 -5.78 -10.38 26.25
CA ALA B 42 -4.62 -11.22 25.98
C ALA B 42 -4.76 -12.60 26.58
N ARG B 43 -5.31 -12.69 27.80
CA ARG B 43 -5.57 -13.99 28.40
C ARG B 43 -6.50 -14.83 27.51
N ARG B 44 -7.57 -14.23 27.01
CA ARG B 44 -8.44 -14.95 26.09
C ARG B 44 -7.71 -15.35 24.81
N GLY B 45 -6.73 -14.54 24.39
CA GLY B 45 -5.91 -14.86 23.25
C GLY B 45 -4.80 -15.86 23.52
N GLY B 46 -4.69 -16.36 24.74
CA GLY B 46 -3.72 -17.38 25.07
C GLY B 46 -2.37 -16.89 25.52
N VAL B 47 -2.23 -15.61 25.82
CA VAL B 47 -0.95 -15.03 26.24
C VAL B 47 -0.79 -15.23 27.74
N LYS B 48 0.36 -15.76 28.16
CA LYS B 48 0.61 -16.05 29.56
C LYS B 48 1.40 -14.96 30.28
N ARG B 49 2.30 -14.28 29.59
CA ARG B 49 3.12 -13.24 30.19
C ARG B 49 3.20 -12.06 29.24
N ILE B 50 3.17 -10.86 29.80
CA ILE B 50 3.03 -9.63 29.02
C ILE B 50 4.05 -8.61 29.53
N SER B 51 4.92 -8.14 28.64
CA SER B 51 5.84 -7.08 28.99
C SER B 51 5.06 -5.79 29.27
N GLY B 52 5.59 -4.98 30.19
CA GLY B 52 4.91 -3.75 30.55
C GLY B 52 4.72 -2.80 29.38
N LEU B 53 5.62 -2.86 28.40
CA LEU B 53 5.53 -1.93 27.27
C LEU B 53 4.49 -2.38 26.24
N ILE B 54 3.96 -3.60 26.36
CA ILE B 54 2.99 -4.09 25.38
C ILE B 54 1.76 -3.19 25.38
N TYR B 55 1.31 -2.78 26.57
CA TYR B 55 0.02 -2.11 26.70
C TYR B 55 0.01 -0.82 25.90
N GLU B 56 1.02 0.03 26.08
CA GLU B 56 1.08 1.26 25.30
C GLU B 56 1.19 0.95 23.81
N GLU B 57 1.96 -0.07 23.46
CA GLU B 57 2.11 -0.42 22.05
C GLU B 57 0.77 -0.83 21.48
N THR B 58 0.03 -1.66 22.22
CA THR B 58 -1.27 -2.15 21.76
C THR B 58 -2.22 -0.98 21.54
N ARG B 59 -2.17 0.01 22.44
CA ARG B 59 -3.08 1.14 22.36
C ARG B 59 -2.86 1.90 21.06
N GLY B 60 -1.60 2.13 20.69
CA GLY B 60 -1.33 2.85 19.46
C GLY B 60 -1.92 2.13 18.26
N VAL B 61 -1.69 0.82 18.17
CA VAL B 61 -2.21 0.04 17.05
C VAL B 61 -3.73 0.15 17.02
N LEU B 62 -4.34 0.00 18.20
CA LEU B 62 -5.81 0.03 18.28
C LEU B 62 -6.33 1.37 17.82
N LYS B 63 -5.67 2.45 18.26
CA LYS B 63 -6.15 3.79 17.96
C LYS B 63 -6.17 3.99 16.44
N VAL B 64 -5.12 3.54 15.76
CA VAL B 64 -5.04 3.71 14.31
C VAL B 64 -6.22 2.99 13.67
N PHE B 65 -6.47 1.75 14.08
CA PHE B 65 -7.55 0.96 13.49
C PHE B 65 -8.87 1.71 13.63
N LEU B 66 -9.21 2.17 14.84
CA LEU B 66 -10.52 2.77 15.05
C LEU B 66 -10.66 3.99 14.16
N GLU B 67 -9.63 4.85 14.14
CA GLU B 67 -9.66 6.07 13.35
C GLU B 67 -10.01 5.75 11.91
N ASN B 68 -9.31 4.78 11.32
CA ASN B 68 -9.49 4.45 9.91
C ASN B 68 -10.93 4.03 9.65
N VAL B 69 -11.45 3.11 10.47
CA VAL B 69 -12.80 2.57 10.25
C VAL B 69 -13.83 3.68 10.34
N ILE B 70 -13.75 4.54 11.36
CA ILE B 70 -14.79 5.52 11.60
C ILE B 70 -14.79 6.54 10.46
N ARG B 71 -13.59 6.87 9.94
CA ARG B 71 -13.49 7.80 8.81
C ARG B 71 -14.35 7.34 7.65
N ASP B 72 -14.29 6.04 7.34
CA ASP B 72 -15.12 5.50 6.26
C ASP B 72 -16.59 5.58 6.63
N ALA B 73 -16.90 5.28 7.90
CA ALA B 73 -18.29 5.25 8.34
C ALA B 73 -18.95 6.60 8.09
N VAL B 74 -18.26 7.69 8.43
CA VAL B 74 -18.84 9.03 8.28
C VAL B 74 -19.06 9.33 6.81
N THR B 75 -18.18 8.83 5.94
CA THR B 75 -18.36 9.04 4.50
C THR B 75 -19.71 8.47 4.05
N TYR B 76 -20.02 7.25 4.49
CA TYR B 76 -21.31 6.64 4.17
C TYR B 76 -22.46 7.50 4.70
N THR B 77 -22.31 8.00 5.93
CA THR B 77 -23.36 8.81 6.55
C THR B 77 -23.67 10.02 5.68
N GLU B 78 -22.63 10.65 5.11
CA GLU B 78 -22.84 11.87 4.34
C GLU B 78 -23.55 11.56 3.03
N HIS B 79 -23.25 10.40 2.43
CA HIS B 79 -23.92 10.03 1.18
C HIS B 79 -25.42 9.90 1.38
N ALA B 80 -25.85 9.41 2.53
CA ALA B 80 -27.27 9.25 2.81
C ALA B 80 -27.94 10.55 3.25
N LYS B 81 -27.19 11.65 3.32
CA LYS B 81 -27.72 12.94 3.76
C LYS B 81 -28.41 12.83 5.11
N ARG B 82 -27.78 12.12 6.04
CA ARG B 82 -28.28 11.95 7.38
C ARG B 82 -27.34 12.61 8.39
N LYS B 83 -27.87 12.82 9.59
CA LYS B 83 -27.09 13.35 10.70
C LYS B 83 -26.86 12.30 11.78
N THR B 84 -27.39 11.10 11.63
CA THR B 84 -27.23 10.02 12.59
C THR B 84 -26.52 8.86 11.92
N VAL B 85 -25.34 8.51 12.43
CA VAL B 85 -24.62 7.36 11.93
C VAL B 85 -25.38 6.09 12.32
N THR B 86 -25.73 5.29 11.32
CA THR B 86 -26.51 4.08 11.54
C THR B 86 -25.63 2.84 11.59
N ALA B 87 -26.22 1.75 12.08
CA ALA B 87 -25.53 0.47 12.14
C ALA B 87 -25.08 0.00 10.77
N MET B 88 -25.90 0.26 9.73
CA MET B 88 -25.54 -0.17 8.39
C MET B 88 -24.31 0.55 7.86
N ASP B 89 -24.15 1.83 8.20
CA ASP B 89 -22.95 2.58 7.80
C ASP B 89 -21.69 1.89 8.30
N VAL B 90 -21.68 1.46 9.56
CA VAL B 90 -20.51 0.82 10.15
C VAL B 90 -20.23 -0.53 9.49
N VAL B 91 -21.26 -1.34 9.28
CA VAL B 91 -21.08 -2.67 8.67
C VAL B 91 -20.46 -2.55 7.28
N TYR B 92 -20.93 -1.61 6.47
CA TYR B 92 -20.33 -1.41 5.15
C TYR B 92 -18.87 -0.97 5.24
N ALA B 93 -18.55 -0.06 6.16
CA ALA B 93 -17.16 0.35 6.31
C ALA B 93 -16.28 -0.85 6.64
N LEU B 94 -16.73 -1.68 7.59
CA LEU B 94 -15.96 -2.85 7.99
C LEU B 94 -15.83 -3.83 6.83
N LYS B 95 -16.94 -4.01 6.11
CA LYS B 95 -16.99 -4.90 4.94
C LYS B 95 -15.97 -4.49 3.89
N ARG B 96 -15.87 -3.19 3.61
CA ARG B 96 -15.00 -2.73 2.53
C ARG B 96 -13.53 -2.86 2.88
N GLN B 97 -13.13 -2.43 4.08
CA GLN B 97 -11.74 -2.56 4.46
C GLN B 97 -11.37 -4.05 4.49
N GLY B 98 -10.19 -4.36 3.96
CA GLY B 98 -9.76 -5.74 3.84
C GLY B 98 -9.86 -6.54 5.13
N ARG B 99 -10.57 -7.66 5.07
CA ARG B 99 -10.76 -8.52 6.23
C ARG B 99 -9.85 -9.74 6.08
N THR B 100 -8.93 -9.90 7.03
CA THR B 100 -7.97 -10.99 6.98
C THR B 100 -7.56 -11.39 8.40
N GLU C 63 15.73 -13.97 -17.73
CA GLU C 63 15.66 -13.50 -16.35
C GLU C 63 15.94 -14.64 -15.37
N LEU C 64 15.35 -14.56 -14.19
CA LEU C 64 15.51 -15.57 -13.15
C LEU C 64 14.41 -16.63 -13.18
N LEU C 65 13.69 -16.75 -14.29
CA LEU C 65 12.55 -17.65 -14.35
C LEU C 65 13.00 -19.10 -14.35
N ILE C 66 12.10 -19.98 -13.92
CA ILE C 66 12.36 -21.41 -13.99
C ILE C 66 12.30 -21.87 -15.44
N ARG C 67 13.04 -22.94 -15.74
CA ARG C 67 13.11 -23.43 -17.11
C ARG C 67 11.71 -23.80 -17.62
N LYS C 68 11.44 -23.44 -18.87
CA LYS C 68 10.11 -23.59 -19.44
C LYS C 68 9.68 -25.05 -19.53
N LEU C 69 10.48 -25.90 -20.19
CA LEU C 69 10.03 -27.25 -20.49
C LEU C 69 9.78 -28.10 -19.24
N PRO C 70 10.66 -28.13 -18.23
CA PRO C 70 10.29 -28.92 -17.03
C PRO C 70 9.09 -28.33 -16.32
N PHE C 71 8.96 -27.00 -16.29
CA PHE C 71 7.78 -26.40 -15.69
C PHE C 71 6.52 -26.79 -16.47
N GLN C 72 6.60 -26.70 -17.80
CA GLN C 72 5.47 -27.09 -18.65
C GLN C 72 5.11 -28.55 -18.44
N ARG C 73 6.11 -29.44 -18.37
CA ARG C 73 5.82 -30.84 -18.15
C ARG C 73 5.11 -31.05 -16.83
N LEU C 74 5.57 -30.38 -15.77
CA LEU C 74 4.90 -30.48 -14.48
C LEU C 74 3.47 -29.96 -14.59
N VAL C 75 3.29 -28.80 -15.22
CA VAL C 75 1.95 -28.22 -15.37
C VAL C 75 1.04 -29.17 -16.11
N ARG C 76 1.54 -29.76 -17.21
CA ARG C 76 0.70 -30.69 -17.96
C ARG C 76 0.42 -31.95 -17.16
N GLU C 77 1.43 -32.45 -16.45
CA GLU C 77 1.24 -33.63 -15.61
C GLU C 77 0.21 -33.39 -14.53
N ILE C 78 0.34 -32.27 -13.79
CA ILE C 78 -0.64 -32.00 -12.74
C ILE C 78 -2.02 -31.79 -13.35
N ALA C 79 -2.12 -31.06 -14.46
CA ALA C 79 -3.44 -30.88 -15.05
C ALA C 79 -4.04 -32.21 -15.46
N GLN C 80 -3.20 -33.13 -15.97
CA GLN C 80 -3.70 -34.43 -16.40
C GLN C 80 -4.33 -35.18 -15.23
N ASP C 81 -3.83 -34.92 -14.02
CA ASP C 81 -4.36 -35.56 -12.83
C ASP C 81 -5.65 -34.87 -12.38
N PHE C 82 -5.69 -33.53 -12.50
CA PHE C 82 -6.92 -32.82 -12.21
C PHE C 82 -8.02 -33.12 -13.22
N LYS C 83 -7.67 -33.14 -14.51
CA LYS C 83 -8.68 -33.37 -15.55
C LYS C 83 -7.99 -33.95 -16.78
N THR C 84 -8.80 -34.37 -17.75
CA THR C 84 -8.29 -35.05 -18.93
C THR C 84 -8.56 -34.22 -20.19
N ASP C 85 -7.58 -34.19 -21.09
CA ASP C 85 -7.69 -33.71 -22.47
C ASP C 85 -7.86 -32.20 -22.57
N LEU C 86 -7.59 -31.45 -21.51
CA LEU C 86 -7.69 -30.00 -21.58
C LEU C 86 -6.55 -29.41 -22.40
N ARG C 87 -6.85 -28.33 -23.12
CA ARG C 87 -5.85 -27.63 -23.91
C ARG C 87 -5.33 -26.42 -23.13
N PHE C 88 -4.00 -26.26 -23.12
CA PHE C 88 -3.35 -25.16 -22.43
C PHE C 88 -2.38 -24.50 -23.39
N GLN C 89 -2.53 -23.20 -23.59
CA GLN C 89 -1.70 -22.46 -24.52
C GLN C 89 -0.47 -21.86 -23.84
N SER C 90 0.48 -21.46 -24.69
CA SER C 90 1.76 -20.90 -24.24
C SER C 90 1.60 -19.61 -23.42
N SER C 91 0.80 -18.64 -23.89
CA SER C 91 0.69 -17.40 -23.12
C SER C 91 0.03 -17.61 -21.77
N ALA C 92 -0.71 -18.70 -21.60
CA ALA C 92 -1.30 -19.04 -20.31
C ALA C 92 -0.28 -19.52 -19.29
N VAL C 93 0.67 -20.35 -19.72
CA VAL C 93 1.70 -20.89 -18.84
C VAL C 93 2.69 -19.80 -18.38
N MET C 94 3.09 -18.90 -19.29
CA MET C 94 3.99 -17.83 -18.85
C MET C 94 3.35 -16.94 -17.80
N ALA C 95 2.04 -16.71 -17.92
CA ALA C 95 1.35 -15.91 -16.91
C ALA C 95 1.38 -16.63 -15.57
N LEU C 96 1.06 -17.92 -15.57
CA LEU C 96 1.11 -18.72 -14.36
C LEU C 96 2.52 -18.76 -13.77
N GLN C 97 3.54 -18.80 -14.63
CA GLN C 97 4.91 -18.90 -14.14
C GLN C 97 5.38 -17.60 -13.49
N GLU C 98 5.08 -16.46 -14.11
CA GLU C 98 5.42 -15.18 -13.49
C GLU C 98 4.76 -15.07 -12.12
N ALA C 99 3.47 -15.43 -12.04
CA ALA C 99 2.76 -15.38 -10.77
C ALA C 99 3.36 -16.33 -9.74
N CYS C 100 3.71 -17.55 -10.17
CA CYS C 100 4.25 -18.53 -9.23
C CYS C 100 5.60 -18.07 -8.68
N GLU C 101 6.49 -17.56 -9.54
CA GLU C 101 7.81 -17.15 -9.07
C GLU C 101 7.70 -15.93 -8.17
N ALA C 102 6.82 -14.99 -8.51
CA ALA C 102 6.59 -13.84 -7.63
C ALA C 102 6.08 -14.29 -6.28
N TYR C 103 5.18 -15.28 -6.26
CA TYR C 103 4.66 -15.79 -5.00
C TYR C 103 5.76 -16.43 -4.16
N LEU C 104 6.59 -17.26 -4.79
CA LEU C 104 7.66 -17.95 -4.08
C LEU C 104 8.72 -16.99 -3.56
N VAL C 105 9.13 -16.02 -4.39
CA VAL C 105 10.11 -15.03 -3.94
C VAL C 105 9.59 -14.27 -2.73
N GLY C 106 8.32 -13.82 -2.76
CA GLY C 106 7.76 -13.13 -1.62
C GLY C 106 7.70 -14.00 -0.37
N LEU C 107 7.31 -15.26 -0.54
CA LEU C 107 7.27 -16.18 0.60
C LEU C 107 8.67 -16.37 1.20
N PHE C 108 9.70 -16.40 0.36
CA PHE C 108 11.06 -16.55 0.86
C PHE C 108 11.53 -15.29 1.58
N GLU C 109 11.05 -14.12 1.12
CA GLU C 109 11.31 -12.90 1.86
C GLU C 109 10.74 -12.96 3.27
N ASP C 110 9.46 -13.35 3.40
CA ASP C 110 8.85 -13.38 4.72
C ASP C 110 9.46 -14.45 5.62
N THR C 111 9.72 -15.65 5.07
CA THR C 111 10.40 -16.68 5.85
C THR C 111 11.73 -16.17 6.38
N ASN C 112 12.51 -15.48 5.55
CA ASN C 112 13.78 -14.92 5.99
C ASN C 112 13.59 -13.93 7.11
N LEU C 113 12.56 -13.07 7.01
CA LEU C 113 12.28 -12.14 8.09
C LEU C 113 11.96 -12.87 9.39
N CYS C 114 11.24 -13.98 9.30
CA CYS C 114 10.93 -14.76 10.49
C CYS C 114 12.18 -15.41 11.05
N ALA C 115 13.05 -15.91 10.18
CA ALA C 115 14.31 -16.50 10.61
C ALA C 115 15.19 -15.48 11.32
N ILE C 116 15.37 -14.30 10.73
CA ILE C 116 16.19 -13.27 11.36
C ILE C 116 15.61 -12.89 12.72
N HIS C 117 14.27 -12.81 12.80
CA HIS C 117 13.61 -12.55 14.07
C HIS C 117 14.02 -13.54 15.15
N ALA C 118 14.27 -14.80 14.77
CA ALA C 118 14.59 -15.87 15.70
C ALA C 118 16.08 -15.93 16.06
N LYS C 119 16.80 -14.83 15.88
CA LYS C 119 18.22 -14.74 16.24
C LYS C 119 19.05 -15.78 15.50
N ARG C 120 18.64 -16.09 14.27
CA ARG C 120 19.36 -17.02 13.41
C ARG C 120 19.63 -16.37 12.06
N VAL C 121 20.50 -17.02 11.29
CA VAL C 121 20.81 -16.59 9.94
C VAL C 121 20.31 -17.59 8.90
N THR C 122 20.10 -18.85 9.26
CA THR C 122 19.66 -19.87 8.33
C THR C 122 18.16 -20.09 8.47
N ILE C 123 17.45 -20.07 7.35
CA ILE C 123 16.01 -20.24 7.34
C ILE C 123 15.66 -21.72 7.42
N MET C 124 14.56 -22.02 8.09
CA MET C 124 14.14 -23.39 8.36
C MET C 124 12.77 -23.69 7.75
N PRO C 125 12.45 -24.96 7.53
CA PRO C 125 11.09 -25.32 7.08
C PRO C 125 9.99 -24.81 8.00
N LYS C 126 10.22 -24.86 9.33
CA LYS C 126 9.22 -24.39 10.29
C LYS C 126 8.93 -22.90 10.13
N ASP C 127 9.89 -22.14 9.62
CA ASP C 127 9.67 -20.72 9.36
C ASP C 127 8.64 -20.55 8.25
N ILE C 128 8.80 -21.31 7.17
CA ILE C 128 7.83 -21.31 6.07
C ILE C 128 6.45 -21.67 6.61
N GLN C 129 6.39 -22.66 7.49
CA GLN C 129 5.10 -23.11 8.00
C GLN C 129 4.45 -22.01 8.82
N LEU C 130 5.26 -21.23 9.54
CA LEU C 130 4.72 -20.10 10.28
C LEU C 130 4.14 -19.05 9.33
N ALA C 131 4.86 -18.73 8.25
CA ALA C 131 4.38 -17.74 7.29
C ALA C 131 3.03 -18.16 6.74
N ARG C 132 2.88 -19.44 6.41
CA ARG C 132 1.62 -19.89 5.85
C ARG C 132 0.52 -19.89 6.91
N ARG C 133 0.86 -20.18 8.16
CA ARG C 133 -0.10 -20.11 9.26
C ARG C 133 -0.60 -18.70 9.53
N ILE C 134 0.29 -17.70 9.54
CA ILE C 134 -0.10 -16.33 9.84
C ILE C 134 -0.85 -15.67 8.69
N ARG C 135 -0.55 -16.01 7.44
CA ARG C 135 -1.29 -15.53 6.29
C ARG C 135 -2.73 -15.99 6.24
N GLY C 136 -3.12 -16.96 7.06
CA GLY C 136 -4.47 -17.48 7.02
C GLY C 136 -4.72 -18.54 5.99
N GLU C 137 -3.68 -19.09 5.37
CA GLU C 137 -3.84 -20.17 4.41
C GLU C 137 -3.95 -21.51 5.12
N ARG C 138 -4.72 -22.42 4.54
CA ARG C 138 -4.94 -23.73 5.13
C ARG C 138 -3.63 -24.51 5.10
N ALA C 139 -3.04 -24.72 6.28
CA ALA C 139 -1.78 -25.44 6.40
C ALA C 139 -1.62 -26.04 7.79
N ASN D 29 8.45 -34.01 -13.40
CA ASN D 29 7.42 -33.78 -12.41
C ASN D 29 7.85 -32.72 -11.39
N ILE D 30 7.57 -33.01 -10.12
CA ILE D 30 7.97 -32.10 -9.04
C ILE D 30 9.49 -32.01 -8.95
N GLN D 31 10.19 -33.04 -9.43
CA GLN D 31 11.65 -33.05 -9.40
C GLN D 31 12.28 -32.15 -10.46
N GLY D 32 11.48 -31.62 -11.38
CA GLY D 32 12.01 -30.67 -12.35
C GLY D 32 12.32 -29.31 -11.76
N ILE D 33 11.74 -28.98 -10.60
CA ILE D 33 12.13 -27.78 -9.87
C ILE D 33 13.39 -28.10 -9.09
N THR D 34 14.54 -27.87 -9.72
CA THR D 34 15.80 -28.38 -9.19
C THR D 34 16.27 -27.56 -7.99
N LYS D 35 17.19 -28.17 -7.23
CA LYS D 35 17.77 -27.50 -6.06
C LYS D 35 18.43 -26.16 -6.40
N PRO D 36 19.26 -26.03 -7.44
CA PRO D 36 19.85 -24.71 -7.71
C PRO D 36 18.84 -23.66 -8.11
N ALA D 37 17.71 -24.04 -8.70
CA ALA D 37 16.70 -23.04 -9.05
C ALA D 37 16.08 -22.43 -7.80
N ILE D 38 15.74 -23.27 -6.82
CA ILE D 38 15.16 -22.78 -5.57
C ILE D 38 16.17 -21.93 -4.83
N ARG D 39 17.44 -22.34 -4.85
CA ARG D 39 18.52 -21.53 -4.28
C ARG D 39 18.60 -20.16 -4.93
N ARG D 40 18.49 -20.10 -6.26
CA ARG D 40 18.54 -18.81 -6.94
C ARG D 40 17.38 -17.91 -6.53
N LEU D 41 16.17 -18.47 -6.45
CA LEU D 41 15.03 -17.70 -5.96
C LEU D 41 15.29 -17.17 -4.55
N ALA D 42 15.89 -18.00 -3.69
CA ALA D 42 16.17 -17.58 -2.32
C ALA D 42 17.24 -16.49 -2.27
N ARG D 43 18.26 -16.61 -3.11
CA ARG D 43 19.27 -15.55 -3.21
C ARG D 43 18.63 -14.22 -3.59
N ARG D 44 17.74 -14.23 -4.58
CA ARG D 44 17.04 -13.02 -4.95
C ARG D 44 16.17 -12.51 -3.81
N GLY D 45 15.67 -13.42 -2.96
CA GLY D 45 14.93 -13.04 -1.78
C GLY D 45 15.75 -12.58 -0.60
N GLY D 46 17.08 -12.56 -0.73
CA GLY D 46 17.93 -12.06 0.32
C GLY D 46 18.40 -13.09 1.34
N VAL D 47 18.25 -14.37 1.05
CA VAL D 47 18.61 -15.43 1.98
C VAL D 47 20.09 -15.75 1.82
N LYS D 48 20.80 -15.81 2.94
CA LYS D 48 22.24 -16.06 2.94
C LYS D 48 22.59 -17.52 3.20
N ARG D 49 21.81 -18.22 4.00
CA ARG D 49 22.05 -19.63 4.33
C ARG D 49 20.73 -20.37 4.27
N ILE D 50 20.78 -21.60 3.76
CA ILE D 50 19.58 -22.34 3.38
C ILE D 50 19.69 -23.76 3.92
N SER D 51 18.74 -24.16 4.77
CA SER D 51 18.70 -25.52 5.27
C SER D 51 18.42 -26.51 4.15
N GLY D 52 19.04 -27.69 4.25
CA GLY D 52 18.87 -28.69 3.21
C GLY D 52 17.46 -29.22 3.08
N LEU D 53 16.69 -29.23 4.18
CA LEU D 53 15.35 -29.80 4.11
C LEU D 53 14.34 -28.83 3.51
N ILE D 54 14.69 -27.57 3.32
CA ILE D 54 13.76 -26.59 2.77
C ILE D 54 13.30 -27.02 1.38
N TYR D 55 14.23 -27.54 0.56
CA TYR D 55 13.95 -27.77 -0.85
C TYR D 55 12.79 -28.72 -1.03
N GLU D 56 12.84 -29.87 -0.34
CA GLU D 56 11.72 -30.80 -0.43
C GLU D 56 10.45 -30.14 0.09
N GLU D 57 10.59 -29.35 1.17
CA GLU D 57 9.42 -28.68 1.73
C GLU D 57 8.85 -27.69 0.72
N THR D 58 9.73 -26.93 0.07
CA THR D 58 9.29 -25.93 -0.89
C THR D 58 8.53 -26.60 -2.04
N ARG D 59 9.00 -27.76 -2.47
CA ARG D 59 8.38 -28.44 -3.60
C ARG D 59 6.94 -28.80 -3.25
N GLY D 60 6.73 -29.31 -2.03
CA GLY D 60 5.39 -29.65 -1.61
C GLY D 60 4.49 -28.43 -1.63
N VAL D 61 4.99 -27.32 -1.08
CA VAL D 61 4.21 -26.10 -1.02
C VAL D 61 3.84 -25.66 -2.43
N LEU D 62 4.82 -25.72 -3.35
CA LEU D 62 4.57 -25.28 -4.72
C LEU D 62 3.46 -26.10 -5.35
N LYS D 63 3.52 -27.43 -5.15
CA LYS D 63 2.55 -28.32 -5.79
C LYS D 63 1.15 -27.95 -5.35
N VAL D 64 0.98 -27.70 -4.05
CA VAL D 64 -0.33 -27.35 -3.52
C VAL D 64 -0.81 -26.08 -4.19
N PHE D 65 0.06 -25.07 -4.26
CA PHE D 65 -0.29 -23.80 -4.86
C PHE D 65 -0.77 -24.03 -6.30
N LEU D 66 0.01 -24.77 -7.09
CA LEU D 66 -0.30 -24.94 -8.51
C LEU D 66 -1.65 -25.61 -8.66
N GLU D 67 -1.86 -26.67 -7.91
CA GLU D 67 -3.11 -27.43 -7.98
C GLU D 67 -4.29 -26.50 -7.80
N ASN D 68 -4.24 -25.68 -6.76
CA ASN D 68 -5.35 -24.80 -6.41
C ASN D 68 -5.66 -23.85 -7.57
N VAL D 69 -4.62 -23.19 -8.09
CA VAL D 69 -4.82 -22.19 -9.14
C VAL D 69 -5.45 -22.85 -10.36
N ILE D 70 -4.92 -23.99 -10.76
CA ILE D 70 -5.36 -24.62 -12.01
C ILE D 70 -6.80 -25.07 -11.88
N ARG D 71 -7.17 -25.54 -10.68
CA ARG D 71 -8.55 -25.96 -10.42
C ARG D 71 -9.53 -24.84 -10.74
N ASP D 72 -9.23 -23.61 -10.29
CA ASP D 72 -10.09 -22.48 -10.60
C ASP D 72 -10.07 -22.15 -12.08
N ALA D 73 -8.88 -22.19 -12.70
CA ALA D 73 -8.77 -21.81 -14.10
C ALA D 73 -9.67 -22.68 -14.97
N VAL D 74 -9.65 -24.00 -14.73
CA VAL D 74 -10.44 -24.91 -15.54
C VAL D 74 -11.92 -24.68 -15.28
N THR D 75 -12.29 -24.34 -14.04
CA THR D 75 -13.68 -24.05 -13.73
C THR D 75 -14.20 -22.92 -14.61
N TYR D 76 -13.43 -21.84 -14.73
CA TYR D 76 -13.82 -20.74 -15.61
C TYR D 76 -13.96 -21.23 -17.04
N THR D 77 -13.00 -22.04 -17.50
CA THR D 77 -13.04 -22.55 -18.86
C THR D 77 -14.33 -23.32 -19.12
N GLU D 78 -14.76 -24.13 -18.15
CA GLU D 78 -15.94 -24.96 -18.35
C GLU D 78 -17.19 -24.09 -18.38
N HIS D 79 -17.22 -23.05 -17.55
CA HIS D 79 -18.37 -22.15 -17.53
C HIS D 79 -18.55 -21.47 -18.89
N ALA D 80 -17.43 -21.12 -19.53
CA ALA D 80 -17.50 -20.52 -20.85
C ALA D 80 -17.84 -21.55 -21.92
N LYS D 81 -17.45 -22.81 -21.69
CA LYS D 81 -17.63 -23.93 -22.61
C LYS D 81 -16.83 -23.74 -23.90
N ARG D 82 -15.93 -22.76 -23.95
CA ARG D 82 -15.09 -22.58 -25.13
C ARG D 82 -14.15 -23.77 -25.31
N LYS D 83 -13.79 -24.44 -24.22
CA LYS D 83 -12.90 -25.60 -24.14
C LYS D 83 -11.46 -25.21 -24.46
N THR D 84 -11.20 -23.96 -24.81
CA THR D 84 -9.85 -23.44 -24.99
C THR D 84 -9.65 -22.32 -23.99
N VAL D 85 -8.66 -22.46 -23.13
CA VAL D 85 -8.44 -21.50 -22.06
C VAL D 85 -7.84 -20.23 -22.63
N THR D 86 -8.54 -19.11 -22.45
CA THR D 86 -8.04 -17.84 -22.94
C THR D 86 -6.99 -17.29 -21.99
N ALA D 87 -5.95 -16.67 -22.56
CA ALA D 87 -4.87 -16.14 -21.73
C ALA D 87 -5.38 -15.06 -20.78
N MET D 88 -6.33 -14.24 -21.24
CA MET D 88 -6.86 -13.19 -20.37
C MET D 88 -7.65 -13.79 -19.22
N ASP D 89 -8.37 -14.88 -19.48
CA ASP D 89 -9.10 -15.59 -18.44
C ASP D 89 -8.18 -16.01 -17.31
N VAL D 90 -7.00 -16.53 -17.65
CA VAL D 90 -6.05 -16.98 -16.65
C VAL D 90 -5.56 -15.80 -15.80
N VAL D 91 -5.25 -14.67 -16.45
CA VAL D 91 -4.78 -13.51 -15.68
C VAL D 91 -5.83 -13.09 -14.66
N TYR D 92 -7.11 -13.04 -15.05
CA TYR D 92 -8.14 -12.72 -14.07
C TYR D 92 -8.22 -13.80 -13.02
N ALA D 93 -8.13 -15.07 -13.44
CA ALA D 93 -8.12 -16.19 -12.49
C ALA D 93 -6.96 -16.06 -11.51
N LEU D 94 -5.76 -15.75 -12.03
CA LEU D 94 -4.58 -15.62 -11.19
C LEU D 94 -4.76 -14.47 -10.20
N LYS D 95 -5.28 -13.34 -10.68
CA LYS D 95 -5.53 -12.18 -9.83
C LYS D 95 -6.47 -12.52 -8.67
N ARG D 96 -7.56 -13.22 -8.97
CA ARG D 96 -8.56 -13.50 -7.93
C ARG D 96 -8.05 -14.55 -6.95
N GLN D 97 -7.19 -15.45 -7.41
CA GLN D 97 -6.55 -16.38 -6.48
C GLN D 97 -5.66 -15.64 -5.50
N GLY D 98 -4.89 -14.66 -5.99
CA GLY D 98 -4.05 -13.88 -5.10
C GLY D 98 -4.84 -13.02 -4.14
N ARG D 99 -5.92 -12.41 -4.62
CA ARG D 99 -6.76 -11.55 -3.79
C ARG D 99 -8.22 -11.70 -4.15
N GLU E 63 17.07 4.52 15.20
CA GLU E 63 17.94 5.55 15.76
C GLU E 63 17.95 6.80 14.89
N LEU E 64 18.93 7.67 15.11
CA LEU E 64 19.05 8.91 14.36
C LEU E 64 20.42 8.98 13.68
N LEU E 65 20.44 9.58 12.49
CA LEU E 65 21.65 9.67 11.68
C LEU E 65 22.20 11.08 11.61
N ILE E 66 21.62 12.02 12.37
CA ILE E 66 22.11 13.39 12.46
C ILE E 66 22.31 13.73 13.94
N ARG E 67 23.36 14.48 14.22
CA ARG E 67 23.66 14.84 15.61
C ARG E 67 22.54 15.67 16.21
N LYS E 68 22.28 15.44 17.49
CA LYS E 68 21.17 16.05 18.21
C LYS E 68 21.35 17.56 18.37
N LEU E 69 22.47 17.98 18.96
CA LEU E 69 22.62 19.38 19.34
C LEU E 69 22.63 20.35 18.16
N PRO E 70 23.36 20.09 17.06
CA PRO E 70 23.27 21.04 15.93
C PRO E 70 21.89 21.09 15.30
N PHE E 71 21.18 19.95 15.23
CA PHE E 71 19.82 19.99 14.70
C PHE E 71 18.92 20.83 15.58
N GLN E 72 19.00 20.65 16.89
CA GLN E 72 18.21 21.45 17.82
C GLN E 72 18.50 22.93 17.67
N ARG E 73 19.78 23.29 17.55
CA ARG E 73 20.12 24.70 17.37
C ARG E 73 19.51 25.26 16.10
N LEU E 74 19.59 24.51 15.00
CA LEU E 74 18.98 24.93 13.74
C LEU E 74 17.47 25.07 13.84
N VAL E 75 16.80 24.07 14.41
CA VAL E 75 15.34 24.12 14.54
C VAL E 75 14.90 25.33 15.36
N ARG E 76 15.57 25.60 16.48
CA ARG E 76 15.19 26.74 17.32
C ARG E 76 15.43 28.06 16.58
N GLU E 77 16.53 28.16 15.84
CA GLU E 77 16.79 29.38 15.07
C GLU E 77 15.67 29.64 14.06
N ILE E 78 15.29 28.63 13.28
CA ILE E 78 14.22 28.79 12.30
C ILE E 78 12.91 29.13 13.00
N ALA E 79 12.61 28.45 14.10
CA ALA E 79 11.38 28.70 14.84
C ALA E 79 11.30 30.14 15.33
N GLN E 80 12.43 30.72 15.71
CA GLN E 80 12.48 32.09 16.24
C GLN E 80 11.94 33.10 15.24
N ASP E 81 12.05 32.83 13.94
CA ASP E 81 11.55 33.77 12.94
C ASP E 81 10.02 33.65 12.81
N PHE E 82 9.46 32.47 13.08
CA PHE E 82 8.00 32.35 13.06
C PHE E 82 7.37 32.98 14.29
N LYS E 83 7.89 32.66 15.48
CA LYS E 83 7.35 33.17 16.73
C LYS E 83 8.48 33.47 17.69
N THR E 84 8.25 34.45 18.56
CA THR E 84 9.23 34.88 19.54
C THR E 84 8.97 34.20 20.88
N ASP E 85 10.04 33.76 21.54
CA ASP E 85 10.00 33.28 22.91
C ASP E 85 9.18 31.99 23.03
N LEU E 86 9.62 30.97 22.30
CA LEU E 86 8.98 29.67 22.32
C LEU E 86 9.98 28.62 22.80
N ARG E 87 9.45 27.58 23.44
CA ARG E 87 10.25 26.46 23.92
C ARG E 87 9.70 25.16 23.35
N PHE E 88 10.59 24.21 23.10
CA PHE E 88 10.24 22.92 22.52
C PHE E 88 10.63 21.79 23.48
N GLN E 89 9.80 20.76 23.51
CA GLN E 89 10.07 19.57 24.29
C GLN E 89 11.10 18.68 23.59
N SER E 90 11.75 17.84 24.38
CA SER E 90 12.76 16.93 23.85
C SER E 90 12.15 15.89 22.92
N SER E 91 11.07 15.23 23.35
CA SER E 91 10.45 14.21 22.50
C SER E 91 9.86 14.82 21.23
N ALA E 92 9.59 16.13 21.25
CA ALA E 92 9.10 16.78 20.05
C ALA E 92 10.20 16.89 19.00
N VAL E 93 11.41 17.22 19.44
CA VAL E 93 12.55 17.32 18.52
C VAL E 93 12.93 15.94 18.00
N MET E 94 12.91 14.93 18.88
CA MET E 94 13.21 13.58 18.44
C MET E 94 12.18 13.09 17.42
N ALA E 95 10.91 13.50 17.60
CA ALA E 95 9.86 13.15 16.65
C ALA E 95 10.13 13.76 15.29
N LEU E 96 10.49 15.05 15.27
CA LEU E 96 10.80 15.74 14.02
C LEU E 96 11.98 15.10 13.30
N GLN E 97 12.97 14.60 14.05
CA GLN E 97 14.14 14.02 13.40
C GLN E 97 13.83 12.70 12.74
N GLU E 98 13.06 11.84 13.42
CA GLU E 98 12.65 10.58 12.79
C GLU E 98 11.89 10.86 11.50
N ALA E 99 10.95 11.81 11.54
CA ALA E 99 10.18 12.16 10.35
C ALA E 99 11.07 12.75 9.26
N CYS E 100 11.99 13.64 9.64
CA CYS E 100 12.87 14.28 8.66
C CYS E 100 13.78 13.26 8.00
N GLU E 101 14.37 12.37 8.79
CA GLU E 101 15.30 11.41 8.23
C GLU E 101 14.58 10.40 7.35
N ALA E 102 13.39 9.98 7.76
CA ALA E 102 12.58 9.10 6.91
C ALA E 102 12.24 9.78 5.59
N TYR E 103 11.90 11.07 5.64
CA TYR E 103 11.58 11.79 4.41
C TYR E 103 12.78 11.87 3.48
N LEU E 104 13.95 12.23 4.02
CA LEU E 104 15.15 12.36 3.19
C LEU E 104 15.61 11.01 2.64
N VAL E 105 15.60 9.96 3.46
CA VAL E 105 15.99 8.65 2.97
C VAL E 105 15.07 8.20 1.84
N GLY E 106 13.76 8.37 2.00
CA GLY E 106 12.85 8.00 0.92
C GLY E 106 13.11 8.80 -0.34
N LEU E 107 13.34 10.11 -0.19
CA LEU E 107 13.65 10.94 -1.34
C LEU E 107 14.94 10.48 -2.01
N PHE E 108 15.91 10.06 -1.20
CA PHE E 108 17.17 9.57 -1.76
C PHE E 108 16.98 8.22 -2.45
N GLU E 109 16.05 7.41 -1.94
CA GLU E 109 15.69 6.18 -2.64
C GLU E 109 15.14 6.47 -4.03
N ASP E 110 14.18 7.38 -4.13
CA ASP E 110 13.57 7.68 -5.42
C ASP E 110 14.53 8.33 -6.40
N THR E 111 15.34 9.30 -5.93
CA THR E 111 16.35 9.90 -6.80
C THR E 111 17.28 8.83 -7.37
N ASN E 112 17.72 7.88 -6.53
CA ASN E 112 18.57 6.80 -7.02
C ASN E 112 17.85 5.97 -8.06
N LEU E 113 16.56 5.69 -7.85
CA LEU E 113 15.78 4.96 -8.84
C LEU E 113 15.73 5.71 -10.15
N CYS E 114 15.61 7.05 -10.09
CA CYS E 114 15.60 7.86 -11.29
C CYS E 114 16.97 7.83 -11.97
N ALA E 115 18.02 7.88 -11.16
CA ALA E 115 19.38 7.78 -11.68
C ALA E 115 19.61 6.44 -12.37
N ILE E 116 19.22 5.35 -11.72
CA ILE E 116 19.41 4.03 -12.32
C ILE E 116 18.62 3.93 -13.62
N HIS E 117 17.44 4.54 -13.67
CA HIS E 117 16.69 4.58 -14.92
C HIS E 117 17.53 5.18 -16.05
N ALA E 118 18.34 6.18 -15.73
CA ALA E 118 19.26 6.77 -16.68
C ALA E 118 20.52 5.93 -16.79
N LYS E 119 21.28 6.17 -17.86
CA LYS E 119 22.49 5.39 -18.10
C LYS E 119 23.52 5.57 -16.99
N ARG E 120 23.58 6.77 -16.42
CA ARG E 120 24.51 7.04 -15.33
C ARG E 120 24.06 6.37 -14.04
N VAL E 121 24.97 5.63 -13.41
CA VAL E 121 24.71 5.08 -12.08
C VAL E 121 24.74 6.18 -11.03
N THR E 122 25.59 7.18 -11.23
CA THR E 122 25.74 8.26 -10.26
C THR E 122 24.54 9.18 -10.29
N ILE E 123 24.09 9.58 -9.10
CA ILE E 123 22.95 10.50 -8.94
C ILE E 123 23.45 11.94 -9.08
N MET E 124 22.59 12.80 -9.61
CA MET E 124 22.91 14.19 -9.89
C MET E 124 21.93 15.13 -9.21
N PRO E 125 22.30 16.41 -9.04
CA PRO E 125 21.34 17.38 -8.47
C PRO E 125 20.05 17.50 -9.28
N LYS E 126 20.13 17.44 -10.60
CA LYS E 126 18.96 17.52 -11.46
C LYS E 126 18.00 16.36 -11.24
N ASP E 127 18.52 15.21 -10.78
CA ASP E 127 17.70 14.07 -10.45
C ASP E 127 16.80 14.36 -9.25
N ILE E 128 17.34 14.96 -8.19
CA ILE E 128 16.53 15.32 -7.03
C ILE E 128 15.38 16.24 -7.44
N GLN E 129 15.67 17.25 -8.28
CA GLN E 129 14.64 18.21 -8.66
C GLN E 129 13.54 17.53 -9.47
N LEU E 130 13.91 16.54 -10.31
CA LEU E 130 12.88 15.80 -11.04
C LEU E 130 12.02 15.01 -10.06
N ALA E 131 12.65 14.34 -9.09
CA ALA E 131 11.89 13.55 -8.11
C ALA E 131 10.91 14.43 -7.34
N ARG E 132 11.34 15.62 -6.94
CA ARG E 132 10.47 16.50 -6.16
C ARG E 132 9.36 17.06 -7.04
N ARG E 133 9.66 17.32 -8.31
CA ARG E 133 8.65 17.78 -9.26
C ARG E 133 7.60 16.70 -9.51
N ILE E 134 8.03 15.45 -9.66
CA ILE E 134 7.10 14.36 -9.96
C ILE E 134 6.26 14.02 -8.74
N ARG E 135 6.83 14.16 -7.54
CA ARG E 135 6.06 13.96 -6.31
C ARG E 135 4.93 14.98 -6.16
N GLY E 136 5.03 16.14 -6.81
CA GLY E 136 4.02 17.16 -6.66
C GLY E 136 4.26 18.11 -5.51
N GLU E 137 5.51 18.22 -5.04
CA GLU E 137 5.80 19.12 -3.93
C GLU E 137 5.90 20.57 -4.39
N ARG E 138 6.51 20.81 -5.54
CA ARG E 138 6.63 22.15 -6.08
C ARG E 138 5.84 22.31 -7.38
N ASP F 28 25.73 30.70 11.06
CA ASP F 28 25.10 29.77 10.12
C ASP F 28 24.92 28.40 10.77
N ASN F 29 23.66 27.97 10.89
CA ASN F 29 23.35 26.67 11.48
C ASN F 29 23.10 25.59 10.44
N ILE F 30 22.81 25.96 9.19
CA ILE F 30 22.61 24.96 8.14
C ILE F 30 23.88 24.17 7.89
N GLN F 31 25.04 24.75 8.20
CA GLN F 31 26.32 24.07 7.99
C GLN F 31 26.59 22.99 9.04
N GLY F 32 25.77 22.92 10.09
CA GLY F 32 25.91 21.85 11.07
C GLY F 32 25.46 20.50 10.57
N ILE F 33 24.65 20.47 9.50
CA ILE F 33 24.31 19.22 8.83
C ILE F 33 25.47 18.84 7.92
N THR F 34 26.41 18.06 8.46
CA THR F 34 27.70 17.88 7.80
C THR F 34 27.57 17.02 6.54
N LYS F 35 28.57 17.15 5.68
CA LYS F 35 28.67 16.31 4.49
C LYS F 35 28.70 14.81 4.81
N PRO F 36 29.49 14.30 5.75
CA PRO F 36 29.47 12.86 6.02
C PRO F 36 28.14 12.36 6.55
N ALA F 37 27.37 13.20 7.26
CA ALA F 37 26.08 12.75 7.76
C ALA F 37 25.12 12.52 6.59
N ILE F 38 25.07 13.46 5.65
CA ILE F 38 24.20 13.31 4.49
C ILE F 38 24.65 12.12 3.65
N ARG F 39 25.96 11.95 3.51
CA ARG F 39 26.50 10.77 2.82
C ARG F 39 26.05 9.48 3.48
N ARG F 40 26.09 9.41 4.82
CA ARG F 40 25.65 8.19 5.50
C ARG F 40 24.18 7.92 5.23
N LEU F 41 23.35 8.96 5.31
CA LEU F 41 21.94 8.80 4.96
C LEU F 41 21.79 8.30 3.53
N ALA F 42 22.60 8.82 2.62
CA ALA F 42 22.54 8.41 1.21
C ALA F 42 22.99 6.97 1.05
N ARG F 43 24.04 6.58 1.77
CA ARG F 43 24.47 5.18 1.75
C ARG F 43 23.35 4.26 2.19
N ARG F 44 22.65 4.62 3.27
CA ARG F 44 21.51 3.81 3.69
C ARG F 44 20.41 3.81 2.63
N GLY F 45 20.35 4.84 1.80
CA GLY F 45 19.43 4.88 0.69
C GLY F 45 19.83 4.07 -0.52
N GLY F 46 21.00 3.43 -0.48
CA GLY F 46 21.41 2.53 -1.53
C GLY F 46 22.20 3.13 -2.68
N VAL F 47 22.68 4.35 -2.55
CA VAL F 47 23.43 5.01 -3.62
C VAL F 47 24.90 4.61 -3.53
N LYS F 48 25.51 4.36 -4.68
CA LYS F 48 26.90 3.93 -4.75
C LYS F 48 27.86 5.07 -5.05
N ARG F 49 27.43 6.07 -5.81
CA ARG F 49 28.28 7.20 -6.17
C ARG F 49 27.47 8.48 -6.04
N ILE F 50 28.12 9.55 -5.57
CA ILE F 50 27.42 10.75 -5.13
C ILE F 50 28.13 11.97 -5.71
N SER F 51 27.40 12.77 -6.47
CA SER F 51 27.93 14.00 -7.05
C SER F 51 28.21 15.03 -5.96
N GLY F 52 29.24 15.86 -6.21
CA GLY F 52 29.60 16.89 -5.26
C GLY F 52 28.55 17.97 -5.07
N LEU F 53 27.71 18.21 -6.08
CA LEU F 53 26.71 19.26 -6.00
C LEU F 53 25.47 18.87 -5.21
N ILE F 54 25.32 17.59 -4.85
CA ILE F 54 24.15 17.14 -4.12
C ILE F 54 24.01 17.86 -2.78
N TYR F 55 25.15 18.06 -2.09
CA TYR F 55 25.13 18.52 -0.71
C TYR F 55 24.43 19.87 -0.57
N GLU F 56 24.82 20.85 -1.39
CA GLU F 56 24.13 22.13 -1.29
C GLU F 56 22.66 21.96 -1.62
N GLU F 57 22.34 21.13 -2.62
CA GLU F 57 20.95 20.92 -2.99
C GLU F 57 20.18 20.30 -1.85
N THR F 58 20.76 19.27 -1.21
CA THR F 58 20.09 18.59 -0.12
C THR F 58 19.80 19.56 1.02
N ARG F 59 20.75 20.45 1.31
CA ARG F 59 20.59 21.37 2.42
C ARG F 59 19.40 22.29 2.15
N GLY F 60 19.29 22.78 0.92
CA GLY F 60 18.18 23.66 0.59
C GLY F 60 16.85 22.95 0.78
N VAL F 61 16.76 21.72 0.27
CA VAL F 61 15.52 20.96 0.39
C VAL F 61 15.17 20.78 1.86
N LEU F 62 16.16 20.42 2.68
CA LEU F 62 15.90 20.17 4.09
C LEU F 62 15.37 21.44 4.74
N LYS F 63 16.00 22.58 4.44
CA LYS F 63 15.63 23.84 5.08
C LYS F 63 14.17 24.15 4.76
N VAL F 64 13.79 23.97 3.50
CA VAL F 64 12.42 24.27 3.08
C VAL F 64 11.46 23.39 3.86
N PHE F 65 11.76 22.09 3.94
CA PHE F 65 10.90 21.15 4.64
C PHE F 65 10.71 21.62 6.08
N LEU F 66 11.81 21.93 6.76
CA LEU F 66 11.73 22.26 8.18
C LEU F 66 10.88 23.50 8.36
N GLU F 67 11.14 24.53 7.54
CA GLU F 67 10.41 25.79 7.63
C GLU F 67 8.92 25.50 7.55
N ASN F 68 8.51 24.74 6.52
CA ASN F 68 7.10 24.49 6.28
C ASN F 68 6.48 23.78 7.46
N VAL F 69 7.12 22.70 7.93
CA VAL F 69 6.54 21.92 9.02
C VAL F 69 6.41 22.78 10.27
N ILE F 70 7.47 23.52 10.60
CA ILE F 70 7.47 24.27 11.86
C ILE F 70 6.43 25.38 11.77
N ARG F 71 6.31 25.99 10.59
CA ARG F 71 5.31 27.03 10.36
C ARG F 71 3.93 26.52 10.70
N ASP F 72 3.61 25.31 10.22
CA ASP F 72 2.31 24.71 10.53
C ASP F 72 2.22 24.37 12.00
N ALA F 73 3.29 23.84 12.59
CA ALA F 73 3.24 23.43 13.99
C ALA F 73 2.86 24.61 14.86
N VAL F 74 3.51 25.76 14.63
CA VAL F 74 3.26 26.93 15.46
C VAL F 74 1.84 27.43 15.21
N THR F 75 1.35 27.30 13.97
CA THR F 75 -0.02 27.68 13.65
C THR F 75 -1.00 26.90 14.50
N TYR F 76 -0.81 25.59 14.59
CA TYR F 76 -1.68 24.77 15.44
C TYR F 76 -1.60 25.24 16.88
N THR F 77 -0.38 25.51 17.37
CA THR F 77 -0.20 25.94 18.75
C THR F 77 -0.99 27.22 19.02
N GLU F 78 -0.96 28.15 18.07
CA GLU F 78 -1.61 29.45 18.28
C GLU F 78 -3.13 29.31 18.27
N HIS F 79 -3.66 28.43 17.42
CA HIS F 79 -5.11 28.22 17.38
C HIS F 79 -5.64 27.72 18.72
N ALA F 80 -4.86 26.89 19.41
CA ALA F 80 -5.26 26.36 20.70
C ALA F 80 -5.07 27.35 21.84
N LYS F 81 -4.60 28.56 21.54
CA LYS F 81 -4.34 29.60 22.55
C LYS F 81 -3.42 29.08 23.65
N ARG F 82 -2.37 28.38 23.24
CA ARG F 82 -1.36 27.87 24.16
C ARG F 82 -0.03 28.55 23.89
N LYS F 83 0.87 28.47 24.88
CA LYS F 83 2.21 29.01 24.75
C LYS F 83 3.29 27.94 24.73
N THR F 84 2.91 26.67 24.87
CA THR F 84 3.86 25.56 24.85
C THR F 84 3.53 24.65 23.68
N VAL F 85 4.46 24.53 22.75
CA VAL F 85 4.30 23.60 21.63
C VAL F 85 4.41 22.18 22.17
N THR F 86 3.38 21.38 21.92
CA THR F 86 3.31 20.01 22.44
C THR F 86 3.69 19.00 21.37
N ALA F 87 3.97 17.78 21.83
CA ALA F 87 4.23 16.67 20.92
C ALA F 87 3.07 16.42 19.97
N MET F 88 1.84 16.58 20.46
CA MET F 88 0.66 16.35 19.62
C MET F 88 0.57 17.39 18.51
N ASP F 89 0.95 18.64 18.79
CA ASP F 89 0.96 19.66 17.75
C ASP F 89 1.82 19.23 16.57
N VAL F 90 3.02 18.72 16.86
CA VAL F 90 3.92 18.29 15.79
C VAL F 90 3.34 17.10 15.05
N VAL F 91 2.81 16.12 15.79
CA VAL F 91 2.22 14.93 15.17
C VAL F 91 1.07 15.32 14.26
N TYR F 92 0.20 16.23 14.72
CA TYR F 92 -0.90 16.69 13.87
C TYR F 92 -0.37 17.43 12.65
N ALA F 93 0.66 18.27 12.83
CA ALA F 93 1.25 18.97 11.69
C ALA F 93 1.79 17.98 10.67
N LEU F 94 2.52 16.97 11.14
CA LEU F 94 3.11 15.99 10.22
C LEU F 94 2.03 15.21 9.49
N LYS F 95 0.99 14.78 10.21
CA LYS F 95 -0.11 14.04 9.58
C LYS F 95 -0.77 14.87 8.49
N ARG F 96 -1.07 16.14 8.80
CA ARG F 96 -1.79 17.00 7.85
C ARG F 96 -0.91 17.45 6.70
N GLN F 97 0.40 17.24 6.78
CA GLN F 97 1.31 17.54 5.68
C GLN F 97 1.66 16.31 4.86
N GLY F 98 0.93 15.22 5.03
CA GLY F 98 1.19 14.00 4.27
C GLY F 98 2.47 13.32 4.65
N GLU G 63 -13.13 19.94 -26.31
CA GLU G 63 -14.05 18.82 -26.36
C GLU G 63 -13.37 17.54 -25.89
N LEU G 64 -14.17 16.50 -25.62
CA LEU G 64 -13.64 15.23 -25.18
C LEU G 64 -12.82 14.57 -26.28
N LEU G 65 -11.69 13.97 -25.89
CA LEU G 65 -10.77 13.38 -26.86
C LEU G 65 -11.03 11.90 -27.09
N ILE G 66 -11.86 11.26 -26.26
CA ILE G 66 -12.21 9.86 -26.42
C ILE G 66 -13.71 9.78 -26.68
N ARG G 67 -14.09 8.89 -27.59
CA ARG G 67 -15.49 8.76 -27.95
C ARG G 67 -16.34 8.26 -26.78
N LYS G 68 -17.58 8.76 -26.70
CA LYS G 68 -18.47 8.38 -25.61
C LYS G 68 -18.83 6.88 -25.67
N LEU G 69 -19.35 6.41 -26.80
CA LEU G 69 -19.91 5.06 -26.86
C LEU G 69 -18.91 3.95 -26.60
N PRO G 70 -17.70 3.95 -27.17
CA PRO G 70 -16.78 2.87 -26.79
C PRO G 70 -16.40 2.96 -25.32
N PHE G 71 -16.25 4.17 -24.81
CA PHE G 71 -15.99 4.34 -23.38
C PHE G 71 -17.15 3.83 -22.54
N GLN G 72 -18.38 4.20 -22.93
CA GLN G 72 -19.58 3.76 -22.23
C GLN G 72 -19.70 2.23 -22.22
N ARG G 73 -19.46 1.59 -23.37
CA ARG G 73 -19.54 0.14 -23.44
C ARG G 73 -18.55 -0.52 -22.48
N LEU G 74 -17.32 -0.02 -22.44
CA LEU G 74 -16.33 -0.55 -21.51
C LEU G 74 -16.77 -0.38 -20.06
N VAL G 75 -17.27 0.81 -19.72
CA VAL G 75 -17.72 1.10 -18.36
C VAL G 75 -18.82 0.14 -17.96
N ARG G 76 -19.79 -0.10 -18.86
CA ARG G 76 -20.89 -1.00 -18.57
C ARG G 76 -20.40 -2.43 -18.40
N GLU G 77 -19.44 -2.85 -19.22
CA GLU G 77 -18.88 -4.19 -19.11
C GLU G 77 -18.27 -4.43 -17.73
N ILE G 78 -17.42 -3.50 -17.25
CA ILE G 78 -16.82 -3.69 -15.94
C ILE G 78 -17.90 -3.70 -14.86
N ALA G 79 -18.85 -2.77 -14.96
CA ALA G 79 -19.93 -2.70 -13.98
C ALA G 79 -20.75 -3.98 -13.95
N GLN G 80 -20.92 -4.62 -15.11
CA GLN G 80 -21.72 -5.83 -15.24
C GLN G 80 -21.19 -6.98 -14.38
N ASP G 81 -19.89 -7.03 -14.10
CA ASP G 81 -19.34 -8.10 -13.26
C ASP G 81 -19.56 -7.89 -11.77
N PHE G 82 -19.65 -6.64 -11.30
CA PHE G 82 -19.97 -6.44 -9.90
C PHE G 82 -21.44 -6.74 -9.62
N LYS G 83 -22.34 -6.20 -10.44
CA LYS G 83 -23.76 -6.49 -10.28
C LYS G 83 -24.46 -6.34 -11.62
N THR G 84 -25.35 -7.29 -11.93
CA THR G 84 -26.12 -7.26 -13.16
C THR G 84 -27.29 -6.30 -13.03
N ASP G 85 -27.89 -5.98 -14.18
CA ASP G 85 -29.13 -5.21 -14.30
C ASP G 85 -28.97 -3.76 -13.86
N LEU G 86 -27.74 -3.29 -13.67
CA LEU G 86 -27.50 -1.90 -13.30
C LEU G 86 -27.68 -1.01 -14.53
N ARG G 87 -28.34 0.12 -14.35
CA ARG G 87 -28.50 1.13 -15.39
C ARG G 87 -27.70 2.37 -15.04
N PHE G 88 -27.07 2.96 -16.04
CA PHE G 88 -26.19 4.11 -15.86
C PHE G 88 -26.92 5.41 -16.21
N GLN G 89 -26.43 6.50 -15.65
CA GLN G 89 -26.93 7.83 -15.93
C GLN G 89 -25.96 8.58 -16.85
N SER G 90 -26.51 9.43 -17.70
CA SER G 90 -25.70 10.17 -18.65
C SER G 90 -24.66 11.04 -17.95
N SER G 91 -25.07 11.83 -16.97
CA SER G 91 -24.11 12.69 -16.28
C SER G 91 -23.09 11.89 -15.50
N ALA G 92 -23.41 10.63 -15.17
CA ALA G 92 -22.44 9.78 -14.49
C ALA G 92 -21.33 9.33 -15.42
N VAL G 93 -21.66 8.95 -16.66
CA VAL G 93 -20.63 8.54 -17.61
C VAL G 93 -19.79 9.73 -18.05
N MET G 94 -20.42 10.89 -18.28
CA MET G 94 -19.64 12.06 -18.65
C MET G 94 -18.71 12.49 -17.52
N ALA G 95 -19.16 12.33 -16.28
CA ALA G 95 -18.30 12.65 -15.15
C ALA G 95 -17.09 11.72 -15.11
N LEU G 96 -17.33 10.42 -15.27
CA LEU G 96 -16.24 9.45 -15.31
C LEU G 96 -15.27 9.73 -16.45
N GLN G 97 -15.80 10.15 -17.61
CA GLN G 97 -14.92 10.37 -18.76
C GLN G 97 -14.05 11.60 -18.59
N GLU G 98 -14.61 12.71 -18.11
CA GLU G 98 -13.78 13.89 -17.84
C GLU G 98 -12.66 13.56 -16.86
N ALA G 99 -13.00 12.85 -15.77
CA ALA G 99 -12.01 12.47 -14.77
C ALA G 99 -10.94 11.55 -15.36
N CYS G 100 -11.37 10.56 -16.14
CA CYS G 100 -10.44 9.60 -16.71
C CYS G 100 -9.47 10.27 -17.68
N GLU G 101 -9.97 11.13 -18.56
CA GLU G 101 -9.10 11.77 -19.53
C GLU G 101 -8.13 12.72 -18.86
N ALA G 102 -8.61 13.45 -17.84
CA ALA G 102 -7.73 14.32 -17.07
C ALA G 102 -6.61 13.51 -16.43
N TYR G 103 -6.93 12.33 -15.89
CA TYR G 103 -5.90 11.50 -15.29
C TYR G 103 -4.85 11.07 -16.32
N LEU G 104 -5.30 10.60 -17.48
CA LEU G 104 -4.39 10.13 -18.52
C LEU G 104 -3.55 11.27 -19.10
N VAL G 105 -4.18 12.42 -19.37
CA VAL G 105 -3.40 13.54 -19.90
C VAL G 105 -2.30 13.90 -18.90
N GLY G 106 -2.61 13.97 -17.61
CA GLY G 106 -1.58 14.26 -16.63
C GLY G 106 -0.51 13.18 -16.59
N LEU G 107 -0.92 11.92 -16.66
CA LEU G 107 0.05 10.83 -16.68
C LEU G 107 0.93 10.94 -17.92
N PHE G 108 0.35 11.40 -19.03
CA PHE G 108 1.15 11.54 -20.24
C PHE G 108 2.15 12.70 -20.11
N GLU G 109 1.79 13.74 -19.38
CA GLU G 109 2.73 14.80 -19.06
C GLU G 109 3.92 14.26 -18.27
N ASP G 110 3.66 13.49 -17.21
CA ASP G 110 4.73 12.98 -16.37
C ASP G 110 5.61 11.97 -17.09
N THR G 111 5.00 11.05 -17.85
CA THR G 111 5.81 10.13 -18.65
C THR G 111 6.73 10.89 -19.61
N ASN G 112 6.19 11.91 -20.28
CA ASN G 112 6.99 12.73 -21.19
C ASN G 112 8.12 13.44 -20.46
N LEU G 113 7.84 13.98 -19.28
CA LEU G 113 8.89 14.64 -18.50
C LEU G 113 10.00 13.66 -18.15
N CYS G 114 9.64 12.41 -17.84
CA CYS G 114 10.66 11.40 -17.54
C CYS G 114 11.46 11.04 -18.77
N ALA G 115 10.80 10.94 -19.93
CA ALA G 115 11.48 10.66 -21.18
C ALA G 115 12.48 11.76 -21.53
N ILE G 116 12.06 13.02 -21.46
CA ILE G 116 12.95 14.12 -21.79
C ILE G 116 14.15 14.13 -20.85
N HIS G 117 13.91 13.83 -19.56
CA HIS G 117 15.01 13.72 -18.60
C HIS G 117 16.07 12.72 -19.05
N ALA G 118 15.66 11.66 -19.73
CA ALA G 118 16.57 10.58 -20.10
C ALA G 118 17.35 10.84 -21.38
N LYS G 119 17.45 12.11 -21.80
CA LYS G 119 18.22 12.48 -23.00
C LYS G 119 17.72 11.75 -24.24
N ARG G 120 16.44 11.42 -24.27
CA ARG G 120 15.80 10.78 -25.41
C ARG G 120 14.83 11.74 -26.07
N VAL G 121 14.14 11.26 -27.11
CA VAL G 121 13.14 12.03 -27.83
C VAL G 121 11.75 11.43 -27.69
N THR G 122 11.64 10.10 -27.71
CA THR G 122 10.35 9.42 -27.62
C THR G 122 10.18 8.78 -26.24
N ILE G 123 8.98 8.29 -25.99
CA ILE G 123 8.61 7.63 -24.74
C ILE G 123 8.76 6.13 -24.88
N MET G 124 9.07 5.47 -23.78
CA MET G 124 9.30 4.04 -23.71
C MET G 124 8.43 3.41 -22.62
N PRO G 125 8.16 2.11 -22.70
CA PRO G 125 7.38 1.45 -21.63
C PRO G 125 7.99 1.64 -20.26
N LYS G 126 9.32 1.62 -20.14
CA LYS G 126 9.99 1.80 -18.85
C LYS G 126 9.70 3.18 -18.26
N ASP G 127 9.44 4.18 -19.10
CA ASP G 127 9.07 5.50 -18.60
C ASP G 127 7.74 5.48 -17.86
N ILE G 128 6.71 4.84 -18.42
CA ILE G 128 5.44 4.75 -17.73
C ILE G 128 5.61 4.06 -16.38
N GLN G 129 6.36 2.96 -16.35
CA GLN G 129 6.51 2.19 -15.11
C GLN G 129 7.28 2.99 -14.07
N LEU G 130 8.28 3.76 -14.50
CA LEU G 130 9.01 4.62 -13.58
C LEU G 130 8.12 5.73 -13.02
N ALA G 131 7.34 6.37 -13.89
CA ALA G 131 6.47 7.46 -13.46
C ALA G 131 5.49 7.00 -12.38
N ARG G 132 4.91 5.80 -12.55
CA ARG G 132 3.93 5.31 -11.59
C ARG G 132 4.55 4.94 -10.25
N ARG G 133 5.78 4.41 -10.28
CA ARG G 133 6.47 4.11 -9.03
C ARG G 133 6.82 5.38 -8.26
N ILE G 134 7.32 6.41 -8.95
CA ILE G 134 7.73 7.63 -8.26
C ILE G 134 6.52 8.44 -7.80
N ARG G 135 5.42 8.38 -8.54
CA ARG G 135 4.20 9.05 -8.09
C ARG G 135 3.65 8.42 -6.82
N GLY G 136 3.62 7.10 -6.74
CA GLY G 136 3.14 6.44 -5.55
C GLY G 136 2.15 5.33 -5.81
N GLU G 137 1.96 4.99 -7.08
CA GLU G 137 1.10 3.88 -7.44
C GLU G 137 1.86 2.56 -7.32
N ARG G 138 1.12 1.45 -7.37
CA ARG G 138 1.70 0.13 -7.22
C ARG G 138 2.06 -0.42 -8.59
N ALA G 139 3.34 -0.66 -8.82
CA ALA G 139 3.82 -1.16 -10.09
C ALA G 139 5.14 -1.91 -9.92
N ASP H 28 -12.60 -6.94 -27.43
CA ASP H 28 -13.45 -6.45 -26.36
C ASP H 28 -13.61 -4.93 -26.44
N ASN H 29 -14.33 -4.37 -25.46
CA ASN H 29 -14.57 -2.93 -25.45
C ASN H 29 -13.31 -2.14 -25.15
N ILE H 30 -12.28 -2.77 -24.57
CA ILE H 30 -11.02 -2.07 -24.33
C ILE H 30 -10.39 -1.64 -25.65
N GLN H 31 -10.70 -2.35 -26.74
CA GLN H 31 -10.17 -2.03 -28.05
C GLN H 31 -10.84 -0.81 -28.67
N GLY H 32 -11.93 -0.31 -28.07
CA GLY H 32 -12.54 0.92 -28.53
C GLY H 32 -11.74 2.17 -28.23
N ILE H 33 -10.79 2.09 -27.31
CA ILE H 33 -9.85 3.19 -27.11
C ILE H 33 -8.82 3.11 -28.22
N THR H 34 -9.11 3.73 -29.35
CA THR H 34 -8.35 3.50 -30.57
C THR H 34 -7.00 4.20 -30.51
N LYS H 35 -6.10 3.78 -31.40
CA LYS H 35 -4.77 4.36 -31.49
C LYS H 35 -4.78 5.87 -31.72
N PRO H 36 -5.56 6.43 -32.66
CA PRO H 36 -5.52 7.90 -32.82
C PRO H 36 -6.05 8.65 -31.62
N ALA H 37 -6.95 8.06 -30.83
CA ALA H 37 -7.44 8.76 -29.64
C ALA H 37 -6.32 8.88 -28.61
N ILE H 38 -5.58 7.80 -28.38
CA ILE H 38 -4.48 7.84 -27.42
C ILE H 38 -3.39 8.79 -27.92
N ARG H 39 -3.13 8.76 -29.23
CA ARG H 39 -2.20 9.71 -29.83
C ARG H 39 -2.65 11.15 -29.59
N ARG H 40 -3.95 11.42 -29.76
CA ARG H 40 -4.45 12.77 -29.53
C ARG H 40 -4.25 13.19 -28.08
N LEU H 41 -4.56 12.31 -27.14
CA LEU H 41 -4.29 12.60 -25.73
C LEU H 41 -2.81 12.91 -25.51
N ALA H 42 -1.93 12.15 -26.15
CA ALA H 42 -0.50 12.39 -25.98
C ALA H 42 -0.07 13.72 -26.59
N ARG H 43 -0.63 14.06 -27.75
CA ARG H 43 -0.36 15.37 -28.35
C ARG H 43 -0.77 16.48 -27.40
N ARG H 44 -1.96 16.37 -26.80
CA ARG H 44 -2.39 17.37 -25.82
C ARG H 44 -1.47 17.38 -24.61
N GLY H 45 -0.88 16.24 -24.27
CA GLY H 45 0.09 16.15 -23.20
C GLY H 45 1.49 16.60 -23.55
N GLY H 46 1.71 17.02 -24.80
CA GLY H 46 3.00 17.52 -25.22
C GLY H 46 3.94 16.48 -25.78
N VAL H 47 3.44 15.29 -26.10
CA VAL H 47 4.27 14.20 -26.61
C VAL H 47 4.42 14.33 -28.11
N LYS H 48 5.66 14.25 -28.59
CA LYS H 48 5.95 14.37 -30.02
C LYS H 48 6.11 13.03 -30.71
N ARG H 49 6.64 12.02 -30.03
CA ARG H 49 6.85 10.70 -30.60
C ARG H 49 6.45 9.64 -29.59
N ILE H 50 5.86 8.56 -30.08
CA ILE H 50 5.21 7.58 -29.22
C ILE H 50 5.61 6.17 -29.68
N SER H 51 6.20 5.40 -28.78
CA SER H 51 6.56 4.02 -29.09
C SER H 51 5.32 3.17 -29.31
N GLY H 52 5.47 2.13 -30.15
CA GLY H 52 4.35 1.25 -30.42
C GLY H 52 3.85 0.53 -29.19
N LEU H 53 4.72 0.31 -28.19
CA LEU H 53 4.33 -0.42 -27.00
C LEU H 53 3.56 0.44 -26.01
N ILE H 54 3.50 1.76 -26.24
CA ILE H 54 2.81 2.66 -25.31
C ILE H 54 1.34 2.27 -25.22
N TYR H 55 0.73 1.94 -26.35
CA TYR H 55 -0.72 1.78 -26.42
C TYR H 55 -1.20 0.69 -25.47
N GLU H 56 -0.59 -0.49 -25.54
CA GLU H 56 -0.99 -1.56 -24.62
C GLU H 56 -0.75 -1.14 -23.17
N GLU H 57 0.36 -0.46 -22.90
CA GLU H 57 0.64 -0.06 -21.52
C GLU H 57 -0.43 0.91 -21.04
N THR H 58 -0.78 1.89 -21.90
CA THR H 58 -1.78 2.88 -21.51
C THR H 58 -3.12 2.21 -21.23
N ARG H 59 -3.47 1.21 -22.06
CA ARG H 59 -4.75 0.56 -21.91
C ARG H 59 -4.83 -0.15 -20.57
N GLY H 60 -3.76 -0.84 -20.18
CA GLY H 60 -3.77 -1.53 -18.90
C GLY H 60 -3.98 -0.56 -17.76
N VAL H 61 -3.22 0.54 -17.76
CA VAL H 61 -3.34 1.53 -16.70
C VAL H 61 -4.77 2.06 -16.66
N LEU H 62 -5.31 2.38 -17.84
CA LEU H 62 -6.65 2.96 -17.90
C LEU H 62 -7.65 1.97 -17.33
N LYS H 63 -7.53 0.70 -17.72
CA LYS H 63 -8.50 -0.30 -17.30
C LYS H 63 -8.50 -0.40 -15.78
N VAL H 64 -7.30 -0.42 -15.18
CA VAL H 64 -7.18 -0.55 -13.74
C VAL H 64 -7.89 0.63 -13.08
N PHE H 65 -7.62 1.84 -13.58
CA PHE H 65 -8.24 3.04 -13.03
C PHE H 65 -9.76 2.87 -13.05
N LEU H 66 -10.30 2.48 -14.21
CA LEU H 66 -11.75 2.41 -14.35
C LEU H 66 -12.31 1.43 -13.34
N GLU H 67 -11.69 0.25 -13.26
CA GLU H 67 -12.16 -0.79 -12.35
C GLU H 67 -12.27 -0.25 -10.93
N ASN H 68 -11.20 0.39 -10.45
CA ASN H 68 -11.18 0.86 -9.06
C ASN H 68 -12.31 1.86 -8.82
N VAL H 69 -12.43 2.86 -9.70
CA VAL H 69 -13.43 3.90 -9.49
C VAL H 69 -14.82 3.29 -9.53
N ILE H 70 -15.08 2.44 -10.52
CA ILE H 70 -16.43 1.92 -10.70
C ILE H 70 -16.80 1.02 -9.53
N ARG H 71 -15.83 0.24 -9.04
CA ARG H 71 -16.06 -0.61 -7.88
C ARG H 71 -16.57 0.21 -6.71
N ASP H 72 -15.92 1.36 -6.45
CA ASP H 72 -16.38 2.23 -5.38
C ASP H 72 -17.72 2.84 -5.73
N ALA H 73 -17.89 3.25 -6.99
CA ALA H 73 -19.13 3.91 -7.40
C ALA H 73 -20.32 3.01 -7.13
N VAL H 74 -20.21 1.73 -7.49
CA VAL H 74 -21.33 0.81 -7.33
C VAL H 74 -21.60 0.59 -5.85
N THR H 75 -20.55 0.62 -5.02
CA THR H 75 -20.73 0.48 -3.58
C THR H 75 -21.64 1.58 -3.05
N TYR H 76 -21.38 2.83 -3.46
CA TYR H 76 -22.23 3.94 -3.04
C TYR H 76 -23.66 3.71 -3.52
N THR H 77 -23.82 3.28 -4.77
CA THR H 77 -25.14 3.04 -5.34
C THR H 77 -25.90 2.02 -4.51
N GLU H 78 -25.21 0.98 -4.07
CA GLU H 78 -25.86 -0.11 -3.34
C GLU H 78 -26.29 0.36 -1.95
N HIS H 79 -25.47 1.22 -1.33
CA HIS H 79 -25.81 1.74 -0.01
C HIS H 79 -27.11 2.51 -0.02
N ALA H 80 -27.37 3.28 -1.07
CA ALA H 80 -28.60 4.05 -1.16
C ALA H 80 -29.79 3.23 -1.63
N LYS H 81 -29.58 1.94 -1.90
CA LYS H 81 -30.63 1.03 -2.37
C LYS H 81 -31.32 1.57 -3.62
N ARG H 82 -30.52 2.09 -4.55
CA ARG H 82 -31.01 2.49 -5.85
C ARG H 82 -30.36 1.63 -6.93
N LYS H 83 -30.95 1.64 -8.12
CA LYS H 83 -30.47 0.87 -9.25
C LYS H 83 -29.83 1.72 -10.34
N THR H 84 -29.79 3.03 -10.18
CA THR H 84 -29.21 3.93 -11.16
C THR H 84 -28.03 4.66 -10.51
N VAL H 85 -26.84 4.46 -11.07
CA VAL H 85 -25.65 5.16 -10.55
C VAL H 85 -25.80 6.66 -10.80
N THR H 86 -25.67 7.44 -9.74
CA THR H 86 -25.87 8.88 -9.80
C THR H 86 -24.53 9.60 -9.91
N ALA H 87 -24.59 10.87 -10.32
CA ALA H 87 -23.39 11.70 -10.40
C ALA H 87 -22.69 11.79 -9.05
N MET H 88 -23.45 11.84 -7.96
CA MET H 88 -22.85 11.94 -6.64
C MET H 88 -22.07 10.68 -6.29
N ASP H 89 -22.56 9.51 -6.70
CA ASP H 89 -21.83 8.26 -6.48
C ASP H 89 -20.42 8.35 -7.08
N VAL H 90 -20.33 8.84 -8.31
CA VAL H 90 -19.05 8.95 -9.00
C VAL H 90 -18.14 9.96 -8.30
N VAL H 91 -18.70 11.12 -7.94
CA VAL H 91 -17.91 12.16 -7.26
C VAL H 91 -17.32 11.64 -5.96
N TYR H 92 -18.12 10.93 -5.17
CA TYR H 92 -17.59 10.36 -3.94
C TYR H 92 -16.51 9.32 -4.22
N ALA H 93 -16.73 8.48 -5.24
CA ALA H 93 -15.71 7.50 -5.62
C ALA H 93 -14.41 8.19 -6.01
N LEU H 94 -14.52 9.24 -6.84
CA LEU H 94 -13.33 9.95 -7.30
C LEU H 94 -12.60 10.62 -6.12
N LYS H 95 -13.37 11.26 -5.23
CA LYS H 95 -12.80 11.91 -4.06
C LYS H 95 -12.04 10.91 -3.20
N ARG H 96 -12.65 9.76 -2.95
CA ARG H 96 -12.08 8.74 -2.07
C ARG H 96 -10.92 8.00 -2.70
N GLN H 97 -10.71 8.15 -4.00
CA GLN H 97 -9.53 7.60 -4.69
C GLN H 97 -8.53 8.74 -4.88
N GLY H 98 -7.54 8.80 -4.00
CA GLY H 98 -6.53 9.83 -4.10
C GLY H 98 -5.63 9.63 -5.30
N ARG H 99 -4.95 10.70 -5.70
CA ARG H 99 -4.04 10.67 -6.82
C ARG H 99 -2.78 9.86 -6.49
#